data_6XPS
#
_entry.id   6XPS
#
_cell.length_a   53.023
_cell.length_b   70.287
_cell.length_c   119.166
_cell.angle_alpha   90.000
_cell.angle_beta   90.000
_cell.angle_gamma   90.000
#
_symmetry.space_group_name_H-M   'P 21 2 21'
#
loop_
_entity.id
_entity.type
_entity.pdbx_description
1 polymer 'Nucleoside diphosphate kinase'
2 non-polymer "GUANOSINE-5'-DIPHOSPHATE"
3 non-polymer 'MAGNESIUM ION'
4 water water
#
_entity_poly.entity_id   1
_entity_poly.type   'polypeptide(L)'
_entity_poly.pdbx_seq_one_letter_code
;MHHHHHHGSMSNEQTFIAIKPDGVQRGLIGPIISRFENRGFKLVAMKLVSPPQSQLEQHYADLSDKPFFKGLVSYMLSGP
ICAMVWEGRDVVKTGRTILGATNPLASAPGTIRGDFAIDVGRNVCHGSDSVENAKKEIALWFKPEELISWKSATFDWVYE
KA
;
_entity_poly.pdbx_strand_id   A,B,C
#
# COMPACT_ATOMS: atom_id res chain seq x y z
N SER A 9 -32.08 -2.00 9.42
CA SER A 9 -32.85 -3.00 10.16
C SER A 9 -31.95 -3.87 11.04
N MET A 10 -31.60 -5.05 10.55
CA MET A 10 -30.80 -5.98 11.35
C MET A 10 -29.32 -5.79 11.09
N SER A 11 -28.52 -6.00 12.13
CA SER A 11 -27.07 -5.80 12.02
C SER A 11 -26.37 -6.93 11.25
N ASN A 12 -27.09 -7.95 10.75
CA ASN A 12 -26.46 -9.00 9.96
C ASN A 12 -26.75 -8.87 8.48
N GLU A 13 -27.25 -7.72 8.04
CA GLU A 13 -27.36 -7.46 6.61
C GLU A 13 -25.98 -7.52 5.96
N GLN A 14 -25.94 -7.96 4.71
CA GLN A 14 -24.68 -8.12 3.99
C GLN A 14 -24.76 -7.45 2.64
N THR A 15 -23.61 -6.94 2.18
CA THR A 15 -23.51 -6.35 0.85
C THR A 15 -22.26 -6.89 0.16
N PHE A 16 -22.28 -6.83 -1.16
CA PHE A 16 -21.12 -7.20 -1.97
C PHE A 16 -20.41 -5.93 -2.43
N ILE A 17 -19.14 -5.78 -2.05
CA ILE A 17 -18.30 -4.66 -2.48
C ILE A 17 -17.16 -5.25 -3.30
N ALA A 18 -16.89 -4.68 -4.46
CA ALA A 18 -15.76 -5.13 -5.26
C ALA A 18 -14.88 -3.95 -5.64
N ILE A 19 -13.57 -4.15 -5.51
CA ILE A 19 -12.60 -3.20 -6.05
C ILE A 19 -12.28 -3.62 -7.48
N LYS A 20 -12.62 -2.76 -8.43
CA LYS A 20 -12.51 -3.06 -9.84
C LYS A 20 -11.05 -3.01 -10.28
N PRO A 21 -10.73 -3.51 -11.47
CA PRO A 21 -9.31 -3.59 -11.87
C PRO A 21 -8.57 -2.27 -11.80
N ASP A 22 -9.24 -1.13 -12.02
CA ASP A 22 -8.55 0.15 -11.92
C ASP A 22 -8.21 0.49 -10.47
N GLY A 23 -9.06 0.11 -9.52
CA GLY A 23 -8.72 0.32 -8.11
C GLY A 23 -7.55 -0.53 -7.67
N VAL A 24 -7.48 -1.78 -8.15
CA VAL A 24 -6.34 -2.64 -7.86
C VAL A 24 -5.08 -2.06 -8.50
N GLN A 25 -5.16 -1.69 -9.78
CA GLN A 25 -4.01 -1.17 -10.51
C GLN A 25 -3.44 0.10 -9.88
N ARG A 26 -4.31 0.97 -9.38
CA ARG A 26 -3.86 2.25 -8.83
C ARG A 26 -3.54 2.18 -7.34
N GLY A 27 -3.44 0.98 -6.77
CA GLY A 27 -2.97 0.82 -5.41
C GLY A 27 -3.95 1.26 -4.35
N LEU A 28 -5.25 1.02 -4.55
CA LEU A 28 -6.29 1.52 -3.65
C LEU A 28 -6.96 0.43 -2.81
N ILE A 29 -6.38 -0.78 -2.76
CA ILE A 29 -7.01 -1.85 -1.99
C ILE A 29 -7.03 -1.50 -0.50
N GLY A 30 -5.86 -1.17 0.06
CA GLY A 30 -5.77 -0.80 1.46
C GLY A 30 -6.71 0.32 1.86
N PRO A 31 -6.63 1.47 1.16
CA PRO A 31 -7.52 2.59 1.50
C PRO A 31 -9.01 2.25 1.41
N ILE A 32 -9.42 1.46 0.42
CA ILE A 32 -10.84 1.17 0.31
C ILE A 32 -11.29 0.25 1.44
N ILE A 33 -10.49 -0.78 1.75
CA ILE A 33 -10.81 -1.65 2.87
C ILE A 33 -10.94 -0.84 4.16
N SER A 34 -10.01 0.09 4.37
CA SER A 34 -10.03 0.90 5.60
C SER A 34 -11.29 1.73 5.72
N ARG A 35 -11.85 2.20 4.61
CA ARG A 35 -13.09 2.97 4.68
C ARG A 35 -14.19 2.16 5.36
N PHE A 36 -14.34 0.91 4.97
CA PHE A 36 -15.37 0.06 5.55
C PHE A 36 -15.00 -0.42 6.94
N GLU A 37 -13.72 -0.73 7.14
CA GLU A 37 -13.26 -1.22 8.43
C GLU A 37 -13.45 -0.15 9.50
N ASN A 38 -13.05 1.07 9.18
CA ASN A 38 -13.11 2.14 10.18
C ASN A 38 -14.54 2.50 10.53
N ARG A 39 -15.48 2.30 9.60
CA ARG A 39 -16.87 2.67 9.85
C ARG A 39 -17.54 1.72 10.84
N GLY A 40 -17.00 0.51 11.00
CA GLY A 40 -17.53 -0.46 11.93
C GLY A 40 -18.14 -1.67 11.27
N PHE A 41 -18.06 -1.77 9.96
CA PHE A 41 -18.60 -2.95 9.29
C PHE A 41 -17.64 -4.13 9.41
N LYS A 42 -18.19 -5.33 9.25
CA LYS A 42 -17.48 -6.59 9.46
C LYS A 42 -17.18 -7.23 8.11
N LEU A 43 -15.90 -7.47 7.86
CA LEU A 43 -15.52 -8.24 6.68
C LEU A 43 -15.80 -9.73 6.91
N VAL A 44 -16.69 -10.32 6.13
N VAL A 44 -16.66 -10.30 6.07
CA VAL A 44 -16.99 -11.73 6.32
CA VAL A 44 -17.13 -11.67 6.22
C VAL A 44 -16.56 -12.58 5.14
C VAL A 44 -16.45 -12.56 5.20
N ALA A 45 -16.10 -11.98 4.04
CA ALA A 45 -15.52 -12.75 2.95
C ALA A 45 -14.68 -11.82 2.09
N MET A 46 -13.62 -12.38 1.50
CA MET A 46 -12.76 -11.58 0.64
C MET A 46 -11.86 -12.51 -0.18
N LYS A 47 -11.71 -12.18 -1.45
CA LYS A 47 -10.70 -12.87 -2.23
C LYS A 47 -10.31 -12.02 -3.43
N LEU A 48 -9.06 -12.14 -3.85
CA LEU A 48 -8.60 -11.60 -5.11
C LEU A 48 -8.92 -12.62 -6.20
N VAL A 49 -9.62 -12.18 -7.26
CA VAL A 49 -10.11 -13.09 -8.30
C VAL A 49 -10.00 -12.43 -9.67
N SER A 50 -9.90 -13.31 -10.68
CA SER A 50 -10.03 -12.92 -12.09
C SER A 50 -11.17 -13.77 -12.65
N PRO A 51 -12.42 -13.35 -12.46
CA PRO A 51 -13.57 -14.22 -12.75
C PRO A 51 -13.78 -14.42 -14.24
N PRO A 52 -14.50 -15.47 -14.61
CA PRO A 52 -14.80 -15.72 -16.03
C PRO A 52 -15.73 -14.67 -16.60
N GLN A 53 -15.71 -14.56 -17.93
CA GLN A 53 -16.50 -13.56 -18.63
C GLN A 53 -17.99 -13.72 -18.34
N SER A 54 -18.48 -14.97 -18.31
CA SER A 54 -19.91 -15.19 -18.07
C SER A 54 -20.33 -14.79 -16.67
N GLN A 55 -19.40 -14.85 -15.70
CA GLN A 55 -19.75 -14.35 -14.37
C GLN A 55 -19.94 -12.84 -14.37
N LEU A 56 -19.10 -12.11 -15.11
CA LEU A 56 -19.24 -10.66 -15.18
C LEU A 56 -20.46 -10.25 -15.98
N GLU A 57 -20.75 -10.97 -17.08
CA GLU A 57 -21.96 -10.66 -17.82
C GLU A 57 -23.19 -10.89 -16.96
N GLN A 58 -23.17 -11.91 -16.09
CA GLN A 58 -24.31 -12.14 -15.22
C GLN A 58 -24.36 -11.09 -14.11
N HIS A 59 -23.20 -10.70 -13.59
CA HIS A 59 -23.15 -9.62 -12.62
C HIS A 59 -23.86 -8.36 -13.12
N TYR A 60 -23.67 -8.03 -14.40
CA TYR A 60 -24.17 -6.81 -15.00
C TYR A 60 -25.34 -7.08 -15.94
N ALA A 61 -26.10 -8.16 -15.69
CA ALA A 61 -27.10 -8.61 -16.65
C ALA A 61 -28.16 -7.55 -16.87
N ASP A 62 -28.51 -6.80 -15.84
CA ASP A 62 -29.49 -5.73 -16.00
C ASP A 62 -29.03 -4.64 -16.97
N LEU A 63 -27.75 -4.65 -17.37
CA LEU A 63 -27.18 -3.62 -18.23
C LEU A 63 -26.85 -4.15 -19.61
N SER A 64 -27.30 -5.35 -19.95
CA SER A 64 -26.84 -5.98 -21.18
C SER A 64 -27.30 -5.23 -22.43
N ASP A 65 -28.34 -4.40 -22.33
CA ASP A 65 -28.79 -3.61 -23.48
C ASP A 65 -28.16 -2.23 -23.54
N LYS A 66 -27.41 -1.83 -22.52
CA LYS A 66 -26.72 -0.55 -22.57
C LYS A 66 -25.60 -0.58 -23.61
N PRO A 67 -25.34 0.55 -24.26
CA PRO A 67 -24.26 0.57 -25.27
C PRO A 67 -22.89 0.31 -24.70
N PHE A 68 -22.65 0.69 -23.44
CA PHE A 68 -21.33 0.51 -22.85
C PHE A 68 -21.10 -0.90 -22.29
N PHE A 69 -22.06 -1.82 -22.48
CA PHE A 69 -22.00 -3.10 -21.79
C PHE A 69 -20.75 -3.90 -22.15
N LYS A 70 -20.51 -4.11 -23.46
CA LYS A 70 -19.38 -4.95 -23.85
C LYS A 70 -18.07 -4.37 -23.36
N GLY A 71 -17.92 -3.04 -23.41
CA GLY A 71 -16.70 -2.42 -22.93
C GLY A 71 -16.56 -2.52 -21.42
N LEU A 72 -17.68 -2.43 -20.70
CA LEU A 72 -17.65 -2.63 -19.25
C LEU A 72 -17.22 -4.06 -18.90
N VAL A 73 -17.77 -5.06 -19.59
CA VAL A 73 -17.37 -6.42 -19.31
C VAL A 73 -15.89 -6.63 -19.65
N SER A 74 -15.45 -6.05 -20.77
CA SER A 74 -14.07 -6.23 -21.21
C SER A 74 -13.10 -5.57 -20.24
N TYR A 75 -13.43 -4.38 -19.75
CA TYR A 75 -12.55 -3.75 -18.77
C TYR A 75 -12.57 -4.51 -17.45
N MET A 76 -13.73 -5.05 -17.05
CA MET A 76 -13.77 -5.81 -15.81
C MET A 76 -12.97 -7.10 -15.90
N LEU A 77 -12.71 -7.60 -17.11
CA LEU A 77 -11.85 -8.75 -17.31
C LEU A 77 -10.36 -8.38 -17.36
N SER A 78 -10.02 -7.11 -17.38
CA SER A 78 -8.68 -6.66 -17.76
C SER A 78 -7.68 -6.65 -16.61
N GLY A 79 -8.09 -6.97 -15.39
CA GLY A 79 -7.17 -7.09 -14.29
C GLY A 79 -7.85 -7.76 -13.12
N PRO A 80 -7.14 -7.99 -12.03
CA PRO A 80 -7.78 -8.64 -10.87
C PRO A 80 -8.81 -7.76 -10.20
N ILE A 81 -9.72 -8.42 -9.48
CA ILE A 81 -10.78 -7.77 -8.70
C ILE A 81 -10.65 -8.24 -7.26
N CYS A 82 -10.76 -7.30 -6.32
CA CYS A 82 -10.83 -7.68 -4.91
C CYS A 82 -12.31 -7.73 -4.51
N ALA A 83 -12.84 -8.95 -4.33
CA ALA A 83 -14.24 -9.17 -4.05
C ALA A 83 -14.45 -9.36 -2.55
N MET A 84 -15.45 -8.67 -1.99
CA MET A 84 -15.65 -8.66 -0.55
C MET A 84 -17.14 -8.79 -0.19
N VAL A 85 -17.40 -9.40 0.96
CA VAL A 85 -18.72 -9.30 1.60
C VAL A 85 -18.55 -8.56 2.92
N TRP A 86 -19.27 -7.46 3.09
CA TRP A 86 -19.25 -6.70 4.34
C TRP A 86 -20.59 -6.86 5.05
N GLU A 87 -20.58 -6.96 6.38
CA GLU A 87 -21.80 -7.19 7.16
C GLU A 87 -22.03 -6.09 8.18
N GLY A 88 -23.27 -5.62 8.28
CA GLY A 88 -23.61 -4.68 9.34
C GLY A 88 -24.96 -4.04 9.08
N ARG A 89 -25.40 -3.24 10.05
CA ARG A 89 -26.71 -2.60 9.92
C ARG A 89 -26.71 -1.64 8.74
N ASP A 90 -27.69 -1.82 7.84
N ASP A 90 -27.70 -1.82 7.86
CA ASP A 90 -27.89 -0.96 6.68
CA ASP A 90 -27.89 -0.98 6.67
C ASP A 90 -26.63 -0.88 5.81
C ASP A 90 -26.61 -0.88 5.83
N VAL A 91 -25.83 -1.94 5.80
CA VAL A 91 -24.56 -1.89 5.07
C VAL A 91 -24.77 -1.73 3.56
N VAL A 92 -25.90 -2.19 3.01
CA VAL A 92 -26.11 -1.98 1.58
C VAL A 92 -26.21 -0.50 1.26
N LYS A 93 -27.13 0.22 1.93
CA LYS A 93 -27.33 1.64 1.61
C LYS A 93 -26.15 2.49 2.04
N THR A 94 -25.63 2.23 3.25
CA THR A 94 -24.50 3.00 3.72
C THR A 94 -23.26 2.69 2.90
N GLY A 95 -23.11 1.44 2.44
CA GLY A 95 -22.01 1.14 1.55
C GLY A 95 -22.04 1.96 0.27
N ARG A 96 -23.24 2.15 -0.31
CA ARG A 96 -23.34 3.00 -1.48
C ARG A 96 -22.97 4.44 -1.16
N THR A 97 -23.37 4.92 0.03
CA THR A 97 -23.01 6.28 0.43
C THR A 97 -21.49 6.43 0.58
N ILE A 98 -20.83 5.41 1.13
CA ILE A 98 -19.37 5.45 1.25
C ILE A 98 -18.72 5.44 -0.14
N LEU A 99 -19.24 4.64 -1.06
CA LEU A 99 -18.65 4.59 -2.39
C LEU A 99 -18.78 5.91 -3.12
N GLY A 100 -19.91 6.61 -2.94
CA GLY A 100 -20.15 7.84 -3.64
C GLY A 100 -20.89 7.60 -4.95
N ALA A 101 -21.28 8.72 -5.57
CA ALA A 101 -22.09 8.68 -6.79
C ALA A 101 -21.44 7.84 -7.88
N THR A 102 -22.27 7.14 -8.66
CA THR A 102 -21.77 6.26 -9.71
C THR A 102 -20.86 7.00 -10.67
N ASN A 103 -21.27 8.19 -11.09
CA ASN A 103 -20.40 9.08 -11.86
C ASN A 103 -19.58 9.89 -10.87
N PRO A 104 -18.26 9.71 -10.82
CA PRO A 104 -17.44 10.48 -9.86
C PRO A 104 -17.59 11.98 -9.99
N LEU A 105 -17.91 12.48 -11.19
CA LEU A 105 -18.14 13.91 -11.37
C LEU A 105 -19.22 14.42 -10.42
N ALA A 106 -20.17 13.56 -10.07
CA ALA A 106 -21.28 13.94 -9.20
C ALA A 106 -21.05 13.54 -7.75
N SER A 107 -19.89 12.96 -7.44
CA SER A 107 -19.60 12.44 -6.11
C SER A 107 -19.01 13.54 -5.24
N ALA A 108 -19.12 13.33 -3.94
CA ALA A 108 -18.64 14.26 -2.93
C ALA A 108 -17.27 13.84 -2.40
N PRO A 109 -16.35 14.79 -2.26
CA PRO A 109 -15.10 14.52 -1.54
C PRO A 109 -15.41 13.89 -0.18
N GLY A 110 -14.59 12.92 0.21
CA GLY A 110 -14.84 12.14 1.39
C GLY A 110 -15.40 10.76 1.12
N THR A 111 -15.99 10.55 -0.06
CA THR A 111 -16.38 9.23 -0.52
C THR A 111 -15.23 8.62 -1.32
N ILE A 112 -15.33 7.31 -1.57
CA ILE A 112 -14.28 6.63 -2.32
C ILE A 112 -14.12 7.25 -3.70
N ARG A 113 -15.23 7.42 -4.43
CA ARG A 113 -15.12 7.99 -5.78
C ARG A 113 -14.80 9.47 -5.73
N GLY A 114 -15.30 10.20 -4.73
CA GLY A 114 -14.98 11.61 -4.61
C GLY A 114 -13.56 11.87 -4.17
N ASP A 115 -12.89 10.86 -3.61
CA ASP A 115 -11.48 11.01 -3.26
C ASP A 115 -10.55 10.47 -4.33
N PHE A 116 -10.99 9.48 -5.12
CA PHE A 116 -10.06 8.71 -5.95
C PHE A 116 -10.39 8.60 -7.42
N ALA A 117 -11.55 9.05 -7.90
CA ALA A 117 -11.97 8.66 -9.25
C ALA A 117 -12.48 9.86 -10.04
N ILE A 118 -12.45 9.72 -11.37
CA ILE A 118 -12.84 10.80 -12.27
C ILE A 118 -13.91 10.34 -13.27
N ASP A 119 -13.68 9.21 -13.93
N ASP A 119 -13.71 9.16 -13.85
CA ASP A 119 -14.54 8.74 -15.01
CA ASP A 119 -14.49 8.67 -15.00
C ASP A 119 -15.52 7.69 -14.53
C ASP A 119 -15.52 7.64 -14.54
N VAL A 120 -16.75 7.78 -15.02
CA VAL A 120 -17.78 6.78 -14.69
C VAL A 120 -17.37 5.38 -15.17
N GLY A 121 -16.65 5.29 -16.27
CA GLY A 121 -16.11 4.04 -16.76
C GLY A 121 -14.90 3.52 -16.02
N ARG A 122 -14.39 4.30 -15.07
CA ARG A 122 -13.22 3.94 -14.27
C ARG A 122 -13.46 4.41 -12.84
N ASN A 123 -14.51 3.88 -12.20
CA ASN A 123 -14.95 4.42 -10.91
C ASN A 123 -14.56 3.52 -9.74
N VAL A 124 -13.48 2.75 -9.92
N VAL A 124 -13.53 2.69 -9.93
CA VAL A 124 -12.64 2.04 -8.96
CA VAL A 124 -12.74 2.10 -8.86
C VAL A 124 -13.33 0.96 -8.14
C VAL A 124 -13.43 0.95 -8.13
N CYS A 125 -14.66 0.99 -8.04
N CYS A 125 -14.73 1.06 -7.87
CA CYS A 125 -15.30 0.04 -7.13
CA CYS A 125 -15.37 0.15 -6.92
C CYS A 125 -16.74 -0.25 -7.58
C CYS A 125 -16.82 -0.09 -7.29
N HIS A 126 -17.31 -1.29 -6.96
CA HIS A 126 -18.72 -1.66 -7.10
C HIS A 126 -19.32 -1.92 -5.73
N GLY A 127 -20.59 -1.56 -5.56
CA GLY A 127 -21.34 -1.97 -4.39
C GLY A 127 -22.77 -2.31 -4.76
N SER A 128 -23.34 -3.34 -4.13
CA SER A 128 -24.72 -3.73 -4.38
C SER A 128 -25.66 -2.56 -4.11
N ASP A 129 -26.73 -2.43 -4.91
CA ASP A 129 -27.63 -1.29 -4.77
C ASP A 129 -28.92 -1.62 -4.02
N SER A 130 -29.14 -2.89 -3.65
CA SER A 130 -30.30 -3.28 -2.85
C SER A 130 -29.98 -4.56 -2.11
N VAL A 131 -30.77 -4.85 -1.07
CA VAL A 131 -30.57 -6.09 -0.31
C VAL A 131 -30.78 -7.31 -1.20
N GLU A 132 -31.84 -7.29 -2.01
CA GLU A 132 -32.08 -8.42 -2.91
C GLU A 132 -30.93 -8.60 -3.89
N ASN A 133 -30.45 -7.50 -4.47
CA ASN A 133 -29.32 -7.61 -5.40
C ASN A 133 -28.03 -8.02 -4.67
N ALA A 134 -27.84 -7.55 -3.44
CA ALA A 134 -26.70 -8.02 -2.65
C ALA A 134 -26.72 -9.55 -2.51
N LYS A 135 -27.89 -10.14 -2.19
CA LYS A 135 -27.96 -11.58 -2.02
C LYS A 135 -27.64 -12.30 -3.33
N LYS A 136 -28.15 -11.77 -4.44
CA LYS A 136 -27.82 -12.31 -5.76
C LYS A 136 -26.33 -12.23 -6.03
N GLU A 137 -25.72 -11.08 -5.77
CA GLU A 137 -24.31 -10.90 -6.08
C GLU A 137 -23.42 -11.75 -5.16
N ILE A 138 -23.81 -11.88 -3.89
CA ILE A 138 -23.01 -12.72 -2.98
C ILE A 138 -23.04 -14.16 -3.43
N ALA A 139 -24.21 -14.64 -3.86
CA ALA A 139 -24.32 -16.02 -4.34
C ALA A 139 -23.60 -16.23 -5.67
N LEU A 140 -23.43 -15.18 -6.47
CA LEU A 140 -22.74 -15.30 -7.75
C LEU A 140 -21.23 -15.32 -7.58
N TRP A 141 -20.71 -14.51 -6.66
CA TRP A 141 -19.26 -14.36 -6.52
C TRP A 141 -18.64 -15.24 -5.45
N PHE A 142 -19.41 -15.74 -4.47
CA PHE A 142 -18.82 -16.50 -3.37
C PHE A 142 -19.54 -17.83 -3.17
N LYS A 143 -18.75 -18.87 -2.92
CA LYS A 143 -19.31 -20.08 -2.37
C LYS A 143 -19.64 -19.84 -0.90
N PRO A 144 -20.71 -20.44 -0.39
CA PRO A 144 -21.11 -20.16 1.01
C PRO A 144 -20.00 -20.45 2.00
N GLU A 145 -19.15 -21.43 1.70
N GLU A 145 -19.15 -21.45 1.74
CA GLU A 145 -18.02 -21.80 2.55
CA GLU A 145 -18.05 -21.74 2.65
C GLU A 145 -16.99 -20.68 2.68
C GLU A 145 -17.08 -20.58 2.78
N GLU A 146 -17.03 -19.69 1.80
CA GLU A 146 -16.09 -18.57 1.84
C GLU A 146 -16.58 -17.42 2.71
N LEU A 147 -17.79 -17.48 3.22
CA LEU A 147 -18.26 -16.51 4.20
C LEU A 147 -17.90 -17.01 5.59
N ILE A 148 -17.14 -16.20 6.33
CA ILE A 148 -16.56 -16.64 7.61
C ILE A 148 -17.42 -16.10 8.74
N SER A 149 -17.83 -16.98 9.65
CA SER A 149 -18.64 -16.60 10.81
C SER A 149 -17.70 -16.22 11.95
N TRP A 150 -17.84 -14.99 12.44
CA TRP A 150 -17.08 -14.54 13.59
C TRP A 150 -17.81 -13.37 14.24
N LYS A 151 -17.37 -13.04 15.45
CA LYS A 151 -17.96 -11.97 16.26
C LYS A 151 -16.86 -10.98 16.59
N SER A 152 -17.08 -9.73 16.18
CA SER A 152 -16.11 -8.67 16.44
C SER A 152 -16.02 -8.38 17.93
N ALA A 153 -14.80 -8.18 18.41
CA ALA A 153 -14.60 -7.84 19.82
C ALA A 153 -15.26 -6.51 20.19
N THR A 154 -15.52 -5.63 19.23
CA THR A 154 -16.12 -4.35 19.54
C THR A 154 -17.57 -4.26 19.09
N PHE A 155 -18.23 -5.40 18.84
CA PHE A 155 -19.62 -5.40 18.39
C PHE A 155 -20.52 -4.58 19.30
N ASP A 156 -20.36 -4.75 20.62
CA ASP A 156 -21.26 -4.07 21.56
C ASP A 156 -20.91 -2.61 21.76
N TRP A 157 -19.81 -2.15 21.18
CA TRP A 157 -19.48 -0.73 21.11
C TRP A 157 -19.86 -0.10 19.79
N VAL A 158 -20.10 -0.91 18.76
CA VAL A 158 -20.62 -0.40 17.50
C VAL A 158 -22.14 -0.38 17.51
N TYR A 159 -22.77 -1.35 18.18
CA TYR A 159 -24.23 -1.50 18.15
C TYR A 159 -24.82 -1.44 19.55
N GLU A 160 -25.96 -0.77 19.67
CA GLU A 160 -26.72 -0.77 20.92
C GLU A 160 -27.45 -2.10 21.08
N LYS A 161 -27.62 -2.54 22.32
CA LYS A 161 -28.30 -3.80 22.59
C LYS A 161 -29.81 -3.61 22.61
N SER B 9 18.72 -11.18 -7.53
CA SER B 9 17.36 -11.32 -7.01
C SER B 9 16.32 -11.01 -8.09
N MET B 10 15.38 -11.93 -8.27
CA MET B 10 14.35 -11.80 -9.29
C MET B 10 13.16 -11.01 -8.75
N SER B 11 12.58 -10.18 -9.61
CA SER B 11 11.39 -9.41 -9.25
C SER B 11 10.13 -10.26 -9.13
N ASN B 12 10.17 -11.57 -9.41
CA ASN B 12 8.99 -12.41 -9.30
C ASN B 12 9.05 -13.33 -8.09
N GLU B 13 9.95 -13.06 -7.15
CA GLU B 13 9.94 -13.74 -5.86
C GLU B 13 8.62 -13.49 -5.15
N GLN B 14 8.14 -14.50 -4.44
CA GLN B 14 6.86 -14.38 -3.73
C GLN B 14 7.04 -14.74 -2.26
N THR B 15 6.19 -14.12 -1.43
CA THR B 15 6.18 -14.44 -0.01
C THR B 15 4.73 -14.57 0.46
N PHE B 16 4.55 -15.32 1.56
CA PHE B 16 3.26 -15.50 2.20
C PHE B 16 3.19 -14.55 3.39
N ILE B 17 2.25 -13.61 3.37
CA ILE B 17 1.97 -12.71 4.48
C ILE B 17 0.56 -13.03 4.99
N ALA B 18 0.40 -13.16 6.30
CA ALA B 18 -0.93 -13.42 6.84
C ALA B 18 -1.22 -12.43 7.95
N ILE B 19 -2.42 -11.89 7.96
CA ILE B 19 -2.88 -11.11 9.10
C ILE B 19 -3.57 -12.08 10.06
N LYS B 20 -3.03 -12.18 11.26
CA LYS B 20 -3.49 -13.12 12.27
C LYS B 20 -4.81 -12.63 12.88
N PRO B 21 -5.50 -13.48 13.65
CA PRO B 21 -6.84 -13.10 14.11
C PRO B 21 -6.88 -11.82 14.92
N ASP B 22 -5.80 -11.52 15.64
CA ASP B 22 -5.77 -10.26 16.40
C ASP B 22 -5.70 -9.07 15.47
N GLY B 23 -5.00 -9.18 14.33
CA GLY B 23 -4.97 -8.08 13.40
C GLY B 23 -6.32 -7.87 12.74
N VAL B 24 -7.03 -8.96 12.45
CA VAL B 24 -8.38 -8.82 11.91
C VAL B 24 -9.30 -8.18 12.95
N GLN B 25 -9.27 -8.68 14.18
CA GLN B 25 -10.17 -8.20 15.24
C GLN B 25 -9.94 -6.72 15.55
N ARG B 26 -8.69 -6.28 15.50
CA ARG B 26 -8.32 -4.91 15.85
C ARG B 26 -8.40 -3.95 14.66
N GLY B 27 -8.92 -4.40 13.53
CA GLY B 27 -9.20 -3.49 12.44
C GLY B 27 -7.99 -3.04 11.66
N LEU B 28 -7.02 -3.93 11.47
CA LEU B 28 -5.75 -3.57 10.85
C LEU B 28 -5.58 -4.13 9.44
N ILE B 29 -6.65 -4.64 8.80
CA ILE B 29 -6.51 -5.23 7.47
C ILE B 29 -6.07 -4.18 6.46
N GLY B 30 -6.82 -3.06 6.41
CA GLY B 30 -6.51 -1.96 5.52
C GLY B 30 -5.09 -1.45 5.68
N PRO B 31 -4.70 -1.07 6.90
CA PRO B 31 -3.34 -0.53 7.09
C PRO B 31 -2.23 -1.49 6.69
N ILE B 32 -2.38 -2.78 7.00
CA ILE B 32 -1.30 -3.70 6.71
C ILE B 32 -1.16 -3.91 5.20
N ILE B 33 -2.28 -4.03 4.49
CA ILE B 33 -2.23 -4.12 3.04
C ILE B 33 -1.56 -2.88 2.46
N SER B 34 -1.89 -1.69 2.99
CA SER B 34 -1.29 -0.47 2.46
C SER B 34 0.23 -0.44 2.61
N ARG B 35 0.76 -1.04 3.68
CA ARG B 35 2.22 -1.07 3.86
C ARG B 35 2.89 -1.75 2.67
N PHE B 36 2.36 -2.90 2.27
CA PHE B 36 2.96 -3.62 1.15
C PHE B 36 2.61 -2.97 -0.18
N GLU B 37 1.37 -2.48 -0.30
CA GLU B 37 0.95 -1.84 -1.54
C GLU B 37 1.81 -0.61 -1.81
N ASN B 38 1.96 0.26 -0.81
CA ASN B 38 2.66 1.51 -1.02
C ASN B 38 4.14 1.30 -1.28
N ARG B 39 4.69 0.19 -0.80
CA ARG B 39 6.10 -0.08 -1.02
C ARG B 39 6.37 -0.48 -2.47
N GLY B 40 5.35 -0.93 -3.20
CA GLY B 40 5.50 -1.32 -4.59
C GLY B 40 5.39 -2.80 -4.83
N PHE B 41 5.05 -3.58 -3.82
CA PHE B 41 4.87 -5.00 -4.03
C PHE B 41 3.52 -5.28 -4.66
N LYS B 42 3.42 -6.45 -5.29
CA LYS B 42 2.27 -6.84 -6.09
C LYS B 42 1.47 -7.91 -5.34
N LEU B 43 0.19 -7.64 -5.11
CA LEU B 43 -0.69 -8.63 -4.50
C LEU B 43 -1.11 -9.61 -5.59
N VAL B 44 -0.75 -10.88 -5.42
N VAL B 44 -0.78 -10.89 -5.38
CA VAL B 44 -1.10 -11.90 -6.42
CA VAL B 44 -1.02 -11.95 -6.34
C VAL B 44 -2.13 -12.91 -5.91
C VAL B 44 -2.22 -12.79 -5.91
N ALA B 45 -2.40 -12.95 -4.61
CA ALA B 45 -3.45 -13.82 -4.07
C ALA B 45 -3.88 -13.29 -2.71
N MET B 46 -5.17 -13.43 -2.41
CA MET B 46 -5.69 -12.98 -1.11
C MET B 46 -6.99 -13.71 -0.82
N LYS B 47 -7.17 -14.11 0.44
CA LYS B 47 -8.46 -14.62 0.86
C LYS B 47 -8.61 -14.53 2.37
N LEU B 48 -9.82 -14.25 2.81
CA LEU B 48 -10.17 -14.40 4.23
C LEU B 48 -10.57 -15.86 4.46
N VAL B 49 -9.93 -16.49 5.45
N VAL B 49 -9.94 -16.50 5.45
CA VAL B 49 -10.09 -17.92 5.70
CA VAL B 49 -10.08 -17.94 5.66
C VAL B 49 -10.12 -18.17 7.20
C VAL B 49 -10.01 -18.25 7.15
N SER B 50 -10.76 -19.28 7.56
CA SER B 50 -10.71 -19.84 8.91
C SER B 50 -10.18 -21.26 8.77
N PRO B 51 -8.86 -21.44 8.64
CA PRO B 51 -8.31 -22.76 8.26
C PRO B 51 -8.43 -23.78 9.38
N PRO B 52 -8.42 -25.06 9.06
CA PRO B 52 -8.58 -26.09 10.09
C PRO B 52 -7.31 -26.23 10.91
N GLN B 53 -7.50 -26.76 12.13
CA GLN B 53 -6.39 -26.91 13.05
C GLN B 53 -5.23 -27.66 12.40
N SER B 54 -5.53 -28.69 11.61
CA SER B 54 -4.45 -29.46 11.00
C SER B 54 -3.58 -28.58 10.09
N GLN B 55 -4.20 -27.64 9.37
CA GLN B 55 -3.42 -26.76 8.51
C GLN B 55 -2.54 -25.83 9.32
N LEU B 56 -3.05 -25.30 10.44
CA LEU B 56 -2.25 -24.42 11.28
C LEU B 56 -1.08 -25.16 11.92
N GLU B 57 -1.32 -26.40 12.37
CA GLU B 57 -0.23 -27.19 12.95
C GLU B 57 0.85 -27.50 11.92
N GLN B 58 0.45 -27.72 10.66
CA GLN B 58 1.43 -27.96 9.62
C GLN B 58 2.17 -26.67 9.27
N HIS B 59 1.47 -25.54 9.26
CA HIS B 59 2.14 -24.26 9.06
C HIS B 59 3.26 -24.05 10.08
N TYR B 60 2.99 -24.37 11.34
CA TYR B 60 3.93 -24.14 12.43
C TYR B 60 4.62 -25.43 12.88
N ALA B 61 4.80 -26.36 11.95
CA ALA B 61 5.31 -27.69 12.30
C ALA B 61 6.66 -27.60 13.00
N ASP B 62 7.52 -26.68 12.57
CA ASP B 62 8.85 -26.62 13.18
C ASP B 62 8.81 -26.12 14.62
N LEU B 63 7.65 -25.68 15.11
CA LEU B 63 7.50 -25.21 16.49
C LEU B 63 6.73 -26.20 17.34
N SER B 64 6.47 -27.40 16.83
CA SER B 64 5.62 -28.37 17.52
C SER B 64 6.16 -28.75 18.90
N ASP B 65 7.47 -28.61 19.13
CA ASP B 65 8.09 -28.94 20.41
C ASP B 65 8.15 -27.75 21.36
N LYS B 66 7.77 -26.55 20.93
CA LYS B 66 7.87 -25.40 21.80
C LYS B 66 6.76 -25.41 22.85
N PRO B 67 7.03 -24.87 24.04
CA PRO B 67 5.98 -24.82 25.07
C PRO B 67 4.77 -23.99 24.67
N PHE B 68 4.93 -23.01 23.80
CA PHE B 68 3.84 -22.14 23.41
C PHE B 68 3.04 -22.66 22.22
N PHE B 69 3.37 -23.84 21.70
CA PHE B 69 2.76 -24.31 20.45
C PHE B 69 1.25 -24.46 20.58
N LYS B 70 0.76 -25.14 21.62
CA LYS B 70 -0.67 -25.40 21.70
C LYS B 70 -1.45 -24.08 21.81
N GLY B 71 -0.92 -23.12 22.56
CA GLY B 71 -1.57 -21.83 22.67
C GLY B 71 -1.51 -21.05 21.38
N LEU B 72 -0.41 -21.17 20.65
CA LEU B 72 -0.29 -20.49 19.36
C LEU B 72 -1.33 -21.01 18.38
N VAL B 73 -1.51 -22.34 18.33
CA VAL B 73 -2.49 -22.91 17.40
C VAL B 73 -3.91 -22.47 17.78
N SER B 74 -4.23 -22.51 19.08
CA SER B 74 -5.57 -22.15 19.52
C SER B 74 -5.88 -20.69 19.19
N TYR B 75 -4.90 -19.81 19.40
CA TYR B 75 -5.08 -18.41 19.04
C TYR B 75 -5.22 -18.23 17.54
N MET B 76 -4.40 -18.93 16.75
CA MET B 76 -4.56 -18.84 15.30
C MET B 76 -5.90 -19.39 14.82
N LEU B 77 -6.54 -20.26 15.60
CA LEU B 77 -7.88 -20.76 15.27
C LEU B 77 -8.99 -19.84 15.74
N SER B 78 -8.70 -18.80 16.53
CA SER B 78 -9.74 -18.10 17.29
C SER B 78 -10.44 -17.00 16.51
N GLY B 79 -10.04 -16.75 15.26
CA GLY B 79 -10.69 -15.78 14.43
C GLY B 79 -10.23 -15.89 12.99
N PRO B 80 -10.80 -15.07 12.12
CA PRO B 80 -10.42 -15.12 10.70
C PRO B 80 -8.97 -14.71 10.50
N ILE B 81 -8.40 -15.21 9.41
CA ILE B 81 -7.06 -14.86 8.96
C ILE B 81 -7.14 -14.30 7.55
N CYS B 82 -6.38 -13.24 7.28
CA CYS B 82 -6.30 -12.70 5.92
C CYS B 82 -4.99 -13.17 5.31
N ALA B 83 -5.09 -14.15 4.42
CA ALA B 83 -3.94 -14.82 3.82
C ALA B 83 -3.62 -14.17 2.48
N MET B 84 -2.34 -13.88 2.24
CA MET B 84 -1.93 -13.11 1.07
C MET B 84 -0.63 -13.66 0.50
N VAL B 85 -0.48 -13.52 -0.82
CA VAL B 85 0.80 -13.72 -1.50
C VAL B 85 1.19 -12.40 -2.13
N TRP B 86 2.39 -11.90 -1.78
CA TRP B 86 2.93 -10.68 -2.36
C TRP B 86 4.17 -11.03 -3.17
N GLU B 87 4.36 -10.30 -4.28
CA GLU B 87 5.42 -10.59 -5.24
C GLU B 87 6.27 -9.34 -5.47
N GLY B 88 7.58 -9.53 -5.48
CA GLY B 88 8.49 -8.46 -5.84
C GLY B 88 9.90 -8.85 -5.49
N ARG B 89 10.83 -7.99 -5.92
CA ARG B 89 12.24 -8.25 -5.65
C ARG B 89 12.49 -8.26 -4.15
N ASP B 90 13.11 -9.35 -3.67
N ASP B 90 13.09 -9.35 -3.66
CA ASP B 90 13.45 -9.52 -2.26
CA ASP B 90 13.45 -9.51 -2.25
C ASP B 90 12.24 -9.33 -1.34
C ASP B 90 12.23 -9.31 -1.34
N VAL B 91 11.05 -9.70 -1.81
CA VAL B 91 9.85 -9.49 -0.99
C VAL B 91 9.88 -10.34 0.29
N VAL B 92 10.56 -11.50 0.28
CA VAL B 92 10.63 -12.29 1.51
C VAL B 92 11.35 -11.51 2.61
N LYS B 93 12.61 -11.11 2.35
CA LYS B 93 13.39 -10.42 3.38
C LYS B 93 12.83 -9.03 3.65
N THR B 94 12.48 -8.28 2.60
CA THR B 94 11.93 -6.95 2.83
C THR B 94 10.57 -7.02 3.51
N GLY B 95 9.79 -8.06 3.21
CA GLY B 95 8.54 -8.25 3.92
C GLY B 95 8.74 -8.43 5.42
N ARG B 96 9.75 -9.21 5.80
CA ARG B 96 10.06 -9.39 7.23
C ARG B 96 10.50 -8.08 7.86
N THR B 97 11.23 -7.26 7.11
CA THR B 97 11.65 -5.97 7.62
C THR B 97 10.45 -5.05 7.84
N ILE B 98 9.49 -5.08 6.90
CA ILE B 98 8.27 -4.31 7.09
C ILE B 98 7.48 -4.81 8.28
N LEU B 99 7.44 -6.13 8.50
CA LEU B 99 6.67 -6.64 9.63
C LEU B 99 7.28 -6.21 10.95
N GLY B 100 8.60 -6.17 11.03
CA GLY B 100 9.29 -5.91 12.27
C GLY B 100 9.57 -7.17 13.06
N ALA B 101 10.30 -6.97 14.16
CA ALA B 101 10.80 -8.09 14.94
C ALA B 101 9.66 -8.96 15.47
N THR B 102 9.89 -10.27 15.51
CA THR B 102 8.92 -11.25 16.00
C THR B 102 8.30 -10.81 17.32
N ASN B 103 9.15 -10.45 18.30
CA ASN B 103 8.68 -9.89 19.55
C ASN B 103 8.52 -8.38 19.37
N PRO B 104 7.30 -7.84 19.42
CA PRO B 104 7.13 -6.39 19.17
C PRO B 104 7.94 -5.53 20.12
N LEU B 105 8.29 -6.04 21.30
CA LEU B 105 9.13 -5.29 22.22
C LEU B 105 10.44 -4.89 21.57
N ALA B 106 10.97 -5.73 20.68
CA ALA B 106 12.24 -5.47 20.01
C ALA B 106 12.06 -4.81 18.65
N SER B 107 10.82 -4.48 18.28
CA SER B 107 10.55 -3.96 16.94
C SER B 107 10.72 -2.44 16.90
N ALA B 108 10.93 -1.93 15.68
CA ALA B 108 11.13 -0.49 15.49
C ALA B 108 9.84 0.21 15.10
N PRO B 109 9.54 1.37 15.69
CA PRO B 109 8.44 2.19 15.15
C PRO B 109 8.61 2.41 13.65
N GLY B 110 7.48 2.34 12.93
CA GLY B 110 7.47 2.40 11.48
C GLY B 110 7.28 1.04 10.83
N THR B 111 7.58 -0.03 11.54
CA THR B 111 7.20 -1.38 11.12
C THR B 111 5.77 -1.68 11.57
N ILE B 112 5.21 -2.76 11.04
CA ILE B 112 3.85 -3.11 11.43
C ILE B 112 3.79 -3.43 12.92
N ARG B 113 4.69 -4.28 13.40
CA ARG B 113 4.66 -4.59 14.83
C ARG B 113 5.06 -3.40 15.68
N GLY B 114 5.98 -2.56 15.19
CA GLY B 114 6.41 -1.39 15.96
C GLY B 114 5.39 -0.30 16.02
N ASP B 115 4.39 -0.35 15.16
CA ASP B 115 3.28 0.59 15.18
C ASP B 115 2.03 0.04 15.85
N PHE B 116 1.81 -1.29 15.83
CA PHE B 116 0.52 -1.85 16.21
C PHE B 116 0.51 -2.95 17.27
N ALA B 117 1.66 -3.47 17.72
CA ALA B 117 1.61 -4.68 18.54
C ALA B 117 2.50 -4.56 19.77
N ILE B 118 2.19 -5.36 20.79
CA ILE B 118 2.94 -5.36 22.04
C ILE B 118 3.46 -6.76 22.40
N ASP B 119 2.61 -7.77 22.34
N ASP B 119 2.62 -7.79 22.28
CA ASP B 119 2.96 -9.11 22.79
CA ASP B 119 2.91 -9.12 22.77
C ASP B 119 3.42 -10.00 21.64
C ASP B 119 3.38 -10.03 21.65
N VAL B 120 4.42 -10.83 21.91
CA VAL B 120 4.90 -11.78 20.90
C VAL B 120 3.81 -12.80 20.57
N GLY B 121 2.96 -13.16 21.53
CA GLY B 121 1.83 -14.02 21.29
C GLY B 121 0.65 -13.37 20.59
N ARG B 122 0.71 -12.06 20.37
CA ARG B 122 -0.33 -11.29 19.69
C ARG B 122 0.36 -10.30 18.75
N ASN B 123 1.10 -10.81 17.76
CA ASN B 123 1.97 -9.93 16.98
C ASN B 123 1.43 -9.67 15.59
N VAL B 124 0.10 -9.81 15.44
N VAL B 124 0.10 -9.81 15.44
CA VAL B 124 -0.70 -9.20 14.37
CA VAL B 124 -0.79 -9.35 14.37
C VAL B 124 -0.57 -9.93 13.04
C VAL B 124 -0.46 -9.85 12.96
N CYS B 125 0.63 -10.39 12.69
N CYS B 125 0.75 -10.36 12.71
N CYS B 125 0.75 -10.48 12.70
CA CYS B 125 0.89 -10.83 11.33
CA CYS B 125 1.10 -10.72 11.33
CA CYS B 125 0.97 -10.74 11.28
C CYS B 125 1.92 -11.95 11.31
C CYS B 125 2.00 -11.95 11.31
C CYS B 125 2.16 -11.67 11.07
N HIS B 126 1.99 -12.63 10.15
CA HIS B 126 3.01 -13.63 9.83
C HIS B 126 3.64 -13.28 8.49
N GLY B 127 4.95 -13.54 8.37
CA GLY B 127 5.63 -13.45 7.09
C GLY B 127 6.61 -14.60 6.93
N SER B 128 6.72 -15.18 5.73
CA SER B 128 7.66 -16.27 5.50
C SER B 128 9.08 -15.81 5.78
N ASP B 129 9.92 -16.71 6.32
CA ASP B 129 11.25 -16.29 6.74
C ASP B 129 12.35 -16.60 5.73
N SER B 130 12.03 -17.31 4.64
CA SER B 130 12.97 -17.67 3.59
C SER B 130 12.19 -17.95 2.32
N VAL B 131 12.90 -17.87 1.18
CA VAL B 131 12.28 -18.16 -0.11
C VAL B 131 11.74 -19.59 -0.14
N GLU B 132 12.50 -20.55 0.39
CA GLU B 132 12.03 -21.94 0.34
C GLU B 132 10.82 -22.15 1.24
N ASN B 133 10.84 -21.56 2.45
CA ASN B 133 9.65 -21.67 3.30
C ASN B 133 8.47 -20.93 2.72
N ALA B 134 8.71 -19.83 1.99
CA ALA B 134 7.61 -19.12 1.35
C ALA B 134 6.92 -20.00 0.31
N LYS B 135 7.70 -20.71 -0.52
CA LYS B 135 7.09 -21.60 -1.48
C LYS B 135 6.27 -22.69 -0.80
N LYS B 136 6.79 -23.24 0.29
CA LYS B 136 6.05 -24.26 1.04
C LYS B 136 4.77 -23.69 1.65
N GLU B 137 4.85 -22.49 2.24
CA GLU B 137 3.66 -21.89 2.85
C GLU B 137 2.61 -21.49 1.80
N ILE B 138 3.06 -20.91 0.69
CA ILE B 138 2.15 -20.58 -0.40
C ILE B 138 1.38 -21.82 -0.86
N ALA B 139 2.08 -22.93 -1.05
CA ALA B 139 1.41 -24.15 -1.51
C ALA B 139 0.47 -24.72 -0.45
N LEU B 140 0.79 -24.53 0.83
CA LEU B 140 -0.07 -25.03 1.90
C LEU B 140 -1.38 -24.25 1.97
N TRP B 141 -1.29 -22.94 1.78
CA TRP B 141 -2.43 -22.07 2.04
C TRP B 141 -3.27 -21.79 0.82
N PHE B 142 -2.72 -21.94 -0.40
CA PHE B 142 -3.42 -21.56 -1.61
C PHE B 142 -3.41 -22.69 -2.61
N LYS B 143 -4.51 -22.79 -3.36
CA LYS B 143 -4.54 -23.58 -4.58
C LYS B 143 -3.87 -22.78 -5.71
N PRO B 144 -3.25 -23.46 -6.67
CA PRO B 144 -2.50 -22.72 -7.70
C PRO B 144 -3.34 -21.71 -8.46
N GLU B 145 -4.62 -22.01 -8.70
CA GLU B 145 -5.50 -21.11 -9.44
C GLU B 145 -5.92 -19.89 -8.63
N GLU B 146 -5.61 -19.86 -7.34
CA GLU B 146 -5.88 -18.67 -6.54
C GLU B 146 -4.80 -17.61 -6.68
N LEU B 147 -3.68 -17.93 -7.33
CA LEU B 147 -2.63 -16.96 -7.63
C LEU B 147 -2.91 -16.34 -8.99
N ILE B 148 -3.12 -15.03 -9.01
CA ILE B 148 -3.59 -14.29 -10.17
C ILE B 148 -2.39 -13.71 -10.91
N SER B 149 -2.30 -13.97 -12.20
CA SER B 149 -1.23 -13.41 -13.02
C SER B 149 -1.68 -12.04 -13.55
N TRP B 150 -0.93 -11.00 -13.24
CA TRP B 150 -1.22 -9.67 -13.79
C TRP B 150 0.05 -8.84 -13.78
N LYS B 151 0.01 -7.73 -14.51
CA LYS B 151 1.15 -6.83 -14.68
C LYS B 151 0.76 -5.44 -14.22
N SER B 152 1.49 -4.90 -13.26
CA SER B 152 1.19 -3.58 -12.72
C SER B 152 1.52 -2.49 -13.73
N ALA B 153 0.61 -1.51 -13.83
CA ALA B 153 0.83 -0.36 -14.71
C ALA B 153 2.06 0.45 -14.34
N THR B 154 2.51 0.36 -13.10
CA THR B 154 3.71 1.10 -12.68
C THR B 154 4.92 0.19 -12.52
N PHE B 155 4.87 -1.02 -13.08
CA PHE B 155 5.99 -1.96 -12.96
C PHE B 155 7.31 -1.31 -13.36
N ASP B 156 7.33 -0.59 -14.48
CA ASP B 156 8.59 -0.03 -14.97
C ASP B 156 9.02 1.21 -14.22
N TRP B 157 8.17 1.71 -13.33
CA TRP B 157 8.55 2.80 -12.44
C TRP B 157 9.00 2.30 -11.08
N VAL B 158 8.62 1.08 -10.71
CA VAL B 158 9.12 0.45 -9.49
C VAL B 158 10.46 -0.23 -9.73
N TYR B 159 10.64 -0.83 -10.92
CA TYR B 159 11.82 -1.63 -11.21
C TYR B 159 12.60 -1.08 -12.40
N GLU B 160 13.93 -1.22 -12.30
CA GLU B 160 14.82 -0.90 -13.41
C GLU B 160 14.97 -2.07 -14.37
N LYS B 161 15.11 -3.28 -13.84
CA LYS B 161 15.20 -4.53 -14.62
C LYS B 161 15.95 -4.41 -15.96
N SER C 9 25.44 24.38 14.82
CA SER C 9 24.87 24.31 13.48
C SER C 9 23.82 25.40 13.25
N MET C 10 23.85 25.99 12.07
CA MET C 10 22.96 27.09 11.72
C MET C 10 21.62 26.58 11.23
N SER C 11 20.54 27.23 11.67
CA SER C 11 19.19 26.86 11.23
C SER C 11 18.86 27.35 9.82
N ASN C 12 19.77 28.07 9.15
CA ASN C 12 19.52 28.51 7.78
C ASN C 12 20.26 27.67 6.75
N GLU C 13 20.81 26.52 7.15
CA GLU C 13 21.38 25.58 6.20
C GLU C 13 20.32 25.11 5.22
N GLN C 14 20.73 24.88 3.99
CA GLN C 14 19.81 24.48 2.92
C GLN C 14 20.31 23.23 2.23
N THR C 15 19.35 22.43 1.73
CA THR C 15 19.69 21.23 0.98
C THR C 15 18.80 21.16 -0.25
N PHE C 16 19.27 20.43 -1.26
CA PHE C 16 18.49 20.18 -2.46
C PHE C 16 17.87 18.79 -2.36
N ILE C 17 16.54 18.75 -2.43
CA ILE C 17 15.76 17.52 -2.45
C ILE C 17 15.01 17.49 -3.76
N ALA C 18 15.11 16.39 -4.51
CA ALA C 18 14.33 16.25 -5.73
C ALA C 18 13.51 14.98 -5.67
N ILE C 19 12.27 15.07 -6.15
CA ILE C 19 11.47 13.88 -6.40
C ILE C 19 11.73 13.45 -7.83
N LYS C 20 12.29 12.25 -7.99
CA LYS C 20 12.69 11.71 -9.29
C LYS C 20 11.45 11.28 -10.08
N PRO C 21 11.60 11.00 -11.37
CA PRO C 21 10.40 10.74 -12.19
C PRO C 21 9.54 9.60 -11.71
N ASP C 22 10.14 8.57 -11.12
CA ASP C 22 9.32 7.48 -10.59
C ASP C 22 8.47 7.93 -9.41
N GLY C 23 8.98 8.83 -8.57
CA GLY C 23 8.16 9.38 -7.48
C GLY C 23 7.01 10.22 -7.99
N VAL C 24 7.24 11.02 -9.04
CA VAL C 24 6.16 11.78 -9.64
C VAL C 24 5.12 10.85 -10.27
N GLN C 25 5.58 9.86 -11.06
CA GLN C 25 4.66 8.97 -11.74
C GLN C 25 3.82 8.14 -10.78
N ARG C 26 4.39 7.76 -9.64
CA ARG C 26 3.68 6.92 -8.69
C ARG C 26 2.85 7.73 -7.69
N GLY C 27 2.76 9.04 -7.88
CA GLY C 27 1.86 9.85 -7.06
C GLY C 27 2.37 10.10 -5.65
N LEU C 28 3.67 10.32 -5.50
CA LEU C 28 4.27 10.47 -4.19
C LEU C 28 4.70 11.91 -3.88
N ILE C 29 4.27 12.89 -4.69
CA ILE C 29 4.71 14.27 -4.45
C ILE C 29 4.19 14.76 -3.11
N GLY C 30 2.89 14.59 -2.87
CA GLY C 30 2.29 15.02 -1.62
C GLY C 30 2.91 14.40 -0.38
N PRO C 31 2.98 13.06 -0.35
CA PRO C 31 3.56 12.40 0.83
C PRO C 31 5.01 12.77 1.09
N ILE C 32 5.79 13.00 0.04
CA ILE C 32 7.20 13.31 0.27
C ILE C 32 7.35 14.71 0.85
N ILE C 33 6.64 15.67 0.26
CA ILE C 33 6.63 17.03 0.80
C ILE C 33 6.19 17.02 2.26
N SER C 34 5.18 16.21 2.59
CA SER C 34 4.69 16.18 3.97
C SER C 34 5.76 15.72 4.95
N ARG C 35 6.62 14.77 4.54
CA ARG C 35 7.67 14.28 5.44
C ARG C 35 8.55 15.42 5.91
N PHE C 36 8.96 16.28 4.99
CA PHE C 36 9.79 17.42 5.33
C PHE C 36 8.99 18.52 6.02
N GLU C 37 7.75 18.74 5.58
CA GLU C 37 6.90 19.77 6.18
C GLU C 37 6.63 19.45 7.65
N ASN C 38 6.23 18.21 7.92
CA ASN C 38 5.88 17.79 9.28
C ASN C 38 7.09 17.80 10.22
N ARG C 39 8.31 17.59 9.70
CA ARG C 39 9.50 17.56 10.55
C ARG C 39 9.87 18.95 11.07
N GLY C 40 9.40 20.01 10.41
CA GLY C 40 9.72 21.38 10.80
C GLY C 40 10.60 22.12 9.82
N PHE C 41 11.00 21.49 8.73
CA PHE C 41 11.83 22.19 7.77
C PHE C 41 10.98 23.13 6.91
N LYS C 42 11.65 24.15 6.37
CA LYS C 42 10.99 25.24 5.66
C LYS C 42 11.27 25.11 4.16
N LEU C 43 10.20 25.09 3.36
CA LEU C 43 10.35 25.05 1.91
C LEU C 43 10.68 26.46 1.42
N VAL C 44 11.83 26.64 0.79
N VAL C 44 11.81 26.60 0.74
CA VAL C 44 12.22 27.96 0.30
CA VAL C 44 12.30 27.90 0.30
C VAL C 44 12.34 28.01 -1.22
C VAL C 44 12.14 28.02 -1.21
N ALA C 45 12.21 26.89 -1.93
CA ALA C 45 12.15 26.91 -3.39
C ALA C 45 11.54 25.60 -3.88
N MET C 46 10.75 25.68 -4.95
CA MET C 46 10.18 24.46 -5.53
C MET C 46 9.79 24.73 -6.98
N LYS C 47 10.03 23.75 -7.85
CA LYS C 47 9.46 23.83 -9.19
C LYS C 47 9.40 22.45 -9.81
N LEU C 48 8.39 22.24 -10.63
CA LEU C 48 8.32 21.06 -11.50
C LEU C 48 9.09 21.38 -12.77
N VAL C 49 10.04 20.51 -13.13
N VAL C 49 10.06 20.54 -13.11
CA VAL C 49 10.97 20.78 -14.21
CA VAL C 49 10.94 20.78 -14.25
C VAL C 49 11.24 19.51 -15.00
C VAL C 49 11.16 19.50 -15.04
N SER C 50 11.58 19.67 -16.29
CA SER C 50 12.03 18.58 -17.16
C SER C 50 13.39 18.99 -17.71
N PRO C 51 14.45 18.91 -16.91
CA PRO C 51 15.72 19.53 -17.29
C PRO C 51 16.37 18.77 -18.44
N PRO C 52 17.25 19.43 -19.20
CA PRO C 52 17.93 18.75 -20.31
C PRO C 52 18.99 17.78 -19.82
N GLN C 53 19.29 16.81 -20.69
CA GLN C 53 20.28 15.78 -20.36
C GLN C 53 21.59 16.39 -19.88
N SER C 54 21.94 17.57 -20.41
CA SER C 54 23.20 18.20 -20.04
C SER C 54 23.21 18.60 -18.57
N GLN C 55 22.09 19.13 -18.07
CA GLN C 55 21.99 19.48 -16.66
C GLN C 55 22.08 18.22 -15.77
N LEU C 56 21.41 17.14 -16.20
CA LEU C 56 21.41 15.91 -15.41
C LEU C 56 22.78 15.27 -15.39
N GLU C 57 23.52 15.32 -16.50
CA GLU C 57 24.87 14.76 -16.51
C GLU C 57 25.79 15.58 -15.61
N GLN C 58 25.59 16.90 -15.56
CA GLN C 58 26.38 17.71 -14.65
C GLN C 58 26.01 17.42 -13.19
N HIS C 59 24.71 17.25 -12.92
CA HIS C 59 24.28 16.95 -11.56
C HIS C 59 24.92 15.67 -11.04
N TYR C 60 25.06 14.66 -11.90
CA TYR C 60 25.64 13.38 -11.53
C TYR C 60 27.05 13.21 -12.09
N ALA C 61 27.76 14.32 -12.30
CA ALA C 61 29.04 14.29 -13.00
C ALA C 61 30.04 13.37 -12.33
N ASP C 62 30.03 13.29 -10.99
N ASP C 62 30.02 13.29 -10.99
CA ASP C 62 31.00 12.46 -10.29
CA ASP C 62 30.96 12.47 -10.24
C ASP C 62 30.79 10.98 -10.51
C ASP C 62 30.76 10.97 -10.45
N LEU C 63 29.65 10.56 -11.04
CA LEU C 63 29.37 9.15 -11.32
C LEU C 63 29.50 8.81 -12.79
N SER C 64 30.07 9.71 -13.61
CA SER C 64 30.17 9.47 -15.04
C SER C 64 30.97 8.21 -15.37
N ASP C 65 31.80 7.71 -14.45
CA ASP C 65 32.54 6.48 -14.68
C ASP C 65 31.78 5.22 -14.29
N LYS C 66 30.63 5.36 -13.64
CA LYS C 66 29.91 4.19 -13.15
C LYS C 66 29.22 3.45 -14.30
N PRO C 67 29.09 2.13 -14.19
CA PRO C 67 28.39 1.37 -15.25
C PRO C 67 26.91 1.71 -15.37
N PHE C 68 26.28 2.22 -14.31
CA PHE C 68 24.85 2.55 -14.34
C PHE C 68 24.57 3.97 -14.76
N PHE C 69 25.62 4.76 -15.05
CA PHE C 69 25.46 6.18 -15.33
C PHE C 69 24.48 6.44 -16.46
N LYS C 70 24.66 5.75 -17.60
CA LYS C 70 23.81 6.00 -18.75
C LYS C 70 22.34 5.68 -18.45
N GLY C 71 22.09 4.59 -17.73
CA GLY C 71 20.72 4.25 -17.37
C GLY C 71 20.14 5.22 -16.37
N LEU C 72 20.95 5.68 -15.42
CA LEU C 72 20.48 6.65 -14.45
C LEU C 72 20.04 7.95 -15.13
N VAL C 73 20.86 8.45 -16.06
CA VAL C 73 20.53 9.69 -16.75
C VAL C 73 19.28 9.50 -17.60
N SER C 74 19.19 8.39 -18.32
CA SER C 74 17.99 8.11 -19.11
C SER C 74 16.75 8.13 -18.24
N TYR C 75 16.82 7.45 -17.09
CA TYR C 75 15.68 7.40 -16.18
C TYR C 75 15.34 8.79 -15.64
N MET C 76 16.36 9.59 -15.32
CA MET C 76 16.09 10.94 -14.81
C MET C 76 15.50 11.85 -15.87
N LEU C 77 15.63 11.51 -17.15
CA LEU C 77 15.01 12.25 -18.24
C LEU C 77 13.60 11.78 -18.56
N SER C 78 13.18 10.64 -18.01
CA SER C 78 12.01 9.94 -18.52
C SER C 78 10.70 10.51 -18.00
N GLY C 79 10.75 11.51 -17.13
CA GLY C 79 9.54 12.14 -16.66
C GLY C 79 9.88 13.40 -15.90
N PRO C 80 8.86 14.09 -15.37
CA PRO C 80 9.12 15.32 -14.63
C PRO C 80 9.81 15.05 -13.29
N ILE C 81 10.49 16.09 -12.81
CA ILE C 81 11.16 16.07 -11.53
C ILE C 81 10.59 17.23 -10.70
N CYS C 82 10.35 16.98 -9.41
CA CYS C 82 9.94 18.04 -8.51
C CYS C 82 11.17 18.45 -7.71
N ALA C 83 11.71 19.62 -8.03
CA ALA C 83 12.97 20.10 -7.45
C ALA C 83 12.66 21.05 -6.31
N MET C 84 13.34 20.85 -5.18
CA MET C 84 13.05 21.64 -3.99
C MET C 84 14.33 22.02 -3.26
N VAL C 85 14.27 23.15 -2.56
CA VAL C 85 15.26 23.55 -1.56
C VAL C 85 14.57 23.62 -0.22
N TRP C 86 15.07 22.88 0.76
CA TRP C 86 14.56 22.91 2.12
C TRP C 86 15.61 23.48 3.06
N GLU C 87 15.15 24.20 4.08
CA GLU C 87 16.02 24.96 4.98
C GLU C 87 15.76 24.58 6.42
N GLY C 88 16.82 24.37 7.19
CA GLY C 88 16.70 24.17 8.62
C GLY C 88 18.00 23.65 9.19
N ARG C 89 18.02 23.52 10.51
CA ARG C 89 19.22 23.04 11.18
C ARG C 89 19.50 21.60 10.76
N ASP C 90 20.74 21.37 10.29
N ASP C 90 20.73 21.37 10.29
CA ASP C 90 21.21 20.04 9.90
CA ASP C 90 21.20 20.04 9.91
C ASP C 90 20.31 19.39 8.87
C ASP C 90 20.30 19.39 8.86
N VAL C 91 19.70 20.22 8.00
CA VAL C 91 18.77 19.69 7.01
C VAL C 91 19.44 18.79 5.97
N VAL C 92 20.73 18.99 5.68
CA VAL C 92 21.37 18.11 4.70
C VAL C 92 21.43 16.69 5.24
N LYS C 93 22.00 16.52 6.43
CA LYS C 93 22.17 15.20 7.02
C LYS C 93 20.83 14.58 7.42
N THR C 94 19.96 15.37 8.05
CA THR C 94 18.66 14.85 8.47
C THR C 94 17.76 14.58 7.28
N GLY C 95 17.86 15.40 6.23
CA GLY C 95 17.14 15.10 5.00
C GLY C 95 17.52 13.74 4.43
N ARG C 96 18.81 13.41 4.44
CA ARG C 96 19.25 12.11 3.98
C ARG C 96 18.69 11.00 4.86
N THR C 97 18.65 11.22 6.19
CA THR C 97 18.05 10.24 7.08
C THR C 97 16.57 10.05 6.76
N ILE C 98 15.87 11.14 6.44
CA ILE C 98 14.45 11.02 6.10
C ILE C 98 14.26 10.23 4.82
N LEU C 99 15.14 10.45 3.83
CA LEU C 99 15.01 9.70 2.58
C LEU C 99 15.29 8.22 2.76
N GLY C 100 16.20 7.88 3.66
CA GLY C 100 16.62 6.50 3.84
C GLY C 100 17.76 6.10 2.94
N ALA C 101 18.25 4.88 3.16
CA ALA C 101 19.40 4.34 2.45
C ALA C 101 19.22 4.44 0.94
N THR C 102 20.32 4.75 0.24
CA THR C 102 20.32 4.82 -1.22
C THR C 102 19.70 3.59 -1.85
N ASN C 103 20.15 2.40 -1.46
CA ASN C 103 19.49 1.18 -1.87
C ASN C 103 18.28 0.94 -0.97
N PRO C 104 17.05 1.01 -1.48
CA PRO C 104 15.89 0.78 -0.62
C PRO C 104 15.90 -0.57 0.08
N LEU C 105 16.61 -1.57 -0.46
CA LEU C 105 16.75 -2.85 0.25
C LEU C 105 17.38 -2.67 1.62
N ALA C 106 18.22 -1.64 1.79
CA ALA C 106 18.92 -1.36 3.04
C ALA C 106 18.19 -0.32 3.89
N SER C 107 17.08 0.22 3.40
CA SER C 107 16.41 1.32 4.08
C SER C 107 15.52 0.78 5.19
N ALA C 108 15.19 1.68 6.14
CA ALA C 108 14.32 1.29 7.24
C ALA C 108 12.88 1.75 6.97
N PRO C 109 11.88 0.93 7.28
CA PRO C 109 10.50 1.43 7.24
C PRO C 109 10.38 2.67 8.11
N GLY C 110 9.57 3.63 7.67
CA GLY C 110 9.47 4.93 8.29
C GLY C 110 10.22 6.01 7.53
N THR C 111 11.21 5.65 6.72
CA THR C 111 11.83 6.55 5.78
C THR C 111 11.04 6.55 4.46
N ILE C 112 11.32 7.53 3.61
CA ILE C 112 10.68 7.60 2.29
C ILE C 112 10.96 6.33 1.48
N ARG C 113 12.24 5.98 1.35
CA ARG C 113 12.54 4.78 0.55
C ARG C 113 12.07 3.51 1.24
N GLY C 114 12.11 3.48 2.58
CA GLY C 114 11.62 2.34 3.33
C GLY C 114 10.12 2.19 3.33
N ASP C 115 9.41 3.24 2.94
CA ASP C 115 7.96 3.15 2.82
C ASP C 115 7.52 2.93 1.39
N PHE C 116 8.29 3.44 0.42
CA PHE C 116 7.77 3.53 -0.95
C PHE C 116 8.62 2.91 -2.05
N ALA C 117 9.85 2.42 -1.79
CA ALA C 117 10.71 2.08 -2.91
C ALA C 117 11.38 0.72 -2.72
N ILE C 118 11.80 0.12 -3.85
CA ILE C 118 12.39 -1.20 -3.83
C ILE C 118 13.76 -1.22 -4.50
N ASP C 119 13.85 -0.64 -5.70
N ASP C 119 13.85 -0.67 -5.71
CA ASP C 119 15.04 -0.72 -6.53
CA ASP C 119 15.07 -0.76 -6.52
C ASP C 119 15.93 0.50 -6.34
C ASP C 119 15.93 0.48 -6.36
N VAL C 120 17.25 0.26 -6.22
CA VAL C 120 18.20 1.38 -6.15
C VAL C 120 18.09 2.25 -7.40
N GLY C 121 17.82 1.64 -8.55
CA GLY C 121 17.65 2.42 -9.76
C GLY C 121 16.33 3.14 -9.89
N ARG C 122 15.41 2.93 -8.96
CA ARG C 122 14.11 3.62 -8.92
C ARG C 122 13.82 3.99 -7.47
N ASN C 123 14.67 4.84 -6.88
CA ASN C 123 14.59 5.11 -5.45
C ASN C 123 13.93 6.46 -5.16
N VAL C 124 13.10 6.95 -6.07
N VAL C 124 13.11 6.95 -6.09
CA VAL C 124 12.02 7.91 -5.79
CA VAL C 124 12.07 7.99 -5.96
C VAL C 124 12.53 9.35 -5.62
C VAL C 124 12.56 9.37 -5.53
N CYS C 125 13.70 9.52 -4.99
N CYS C 125 13.74 9.48 -4.91
CA CYS C 125 14.10 10.85 -4.56
CA CYS C 125 14.16 10.76 -4.35
C CYS C 125 15.62 11.00 -4.55
C CYS C 125 15.66 10.98 -4.51
N HIS C 126 16.05 12.26 -4.52
CA HIS C 126 17.45 12.65 -4.37
C HIS C 126 17.58 13.64 -3.22
N GLY C 127 18.66 13.52 -2.45
CA GLY C 127 19.04 14.56 -1.51
C GLY C 127 20.53 14.81 -1.50
N SER C 128 20.93 16.07 -1.36
CA SER C 128 22.35 16.41 -1.32
C SER C 128 23.03 15.68 -0.16
N ASP C 129 24.30 15.32 -0.37
CA ASP C 129 25.01 14.52 0.63
C ASP C 129 25.98 15.34 1.48
N SER C 130 26.13 16.64 1.20
CA SER C 130 26.95 17.51 2.01
C SER C 130 26.50 18.95 1.79
N VAL C 131 26.88 19.82 2.71
CA VAL C 131 26.54 21.24 2.59
C VAL C 131 27.15 21.82 1.31
N GLU C 132 28.41 21.45 1.01
CA GLU C 132 29.06 22.01 -0.18
C GLU C 132 28.39 21.51 -1.45
N ASN C 133 28.05 20.22 -1.50
CA ASN C 133 27.35 19.69 -2.67
C ASN C 133 25.95 20.26 -2.79
N ALA C 134 25.29 20.52 -1.66
CA ALA C 134 23.99 21.17 -1.72
C ALA C 134 24.09 22.56 -2.34
N LYS C 135 25.12 23.33 -1.99
CA LYS C 135 25.27 24.64 -2.60
C LYS C 135 25.49 24.52 -4.10
N LYS C 136 26.31 23.56 -4.52
CA LYS C 136 26.54 23.32 -5.94
C LYS C 136 25.25 22.94 -6.66
N GLU C 137 24.49 22.02 -6.07
CA GLU C 137 23.28 21.53 -6.71
C GLU C 137 22.20 22.61 -6.74
N ILE C 138 22.07 23.40 -5.68
CA ILE C 138 21.09 24.48 -5.63
C ILE C 138 21.33 25.48 -6.76
N ALA C 139 22.59 25.85 -6.98
CA ALA C 139 22.93 26.78 -8.05
C ALA C 139 22.80 26.14 -9.42
N LEU C 140 22.86 24.82 -9.51
CA LEU C 140 22.69 24.15 -10.80
C LEU C 140 21.22 24.09 -11.19
N TRP C 141 20.33 23.91 -10.22
CA TRP C 141 18.92 23.68 -10.49
C TRP C 141 18.05 24.92 -10.41
N PHE C 142 18.42 25.91 -9.57
CA PHE C 142 17.60 27.08 -9.33
C PHE C 142 18.36 28.36 -9.68
N LYS C 143 17.60 29.35 -10.15
CA LYS C 143 18.07 30.73 -10.21
C LYS C 143 17.92 31.37 -8.83
N PRO C 144 18.83 32.28 -8.47
CA PRO C 144 18.78 32.84 -7.10
C PRO C 144 17.45 33.46 -6.74
N GLU C 145 16.74 34.06 -7.70
CA GLU C 145 15.47 34.68 -7.39
C GLU C 145 14.35 33.67 -7.18
N GLU C 146 14.61 32.38 -7.44
CA GLU C 146 13.62 31.35 -7.16
C GLU C 146 13.64 30.89 -5.71
N LEU C 147 14.59 31.36 -4.91
CA LEU C 147 14.61 31.09 -3.49
C LEU C 147 13.83 32.17 -2.77
N ILE C 148 12.79 31.77 -2.04
CA ILE C 148 11.86 32.72 -1.42
C ILE C 148 12.25 32.91 0.04
N SER C 149 12.48 34.16 0.44
CA SER C 149 12.79 34.49 1.81
C SER C 149 11.51 34.68 2.62
N TRP C 150 11.31 33.87 3.66
CA TRP C 150 10.15 34.03 4.53
C TRP C 150 10.46 33.44 5.89
N LYS C 151 9.56 33.71 6.84
CA LYS C 151 9.73 33.36 8.24
C LYS C 151 8.51 32.56 8.69
N SER C 152 8.74 31.33 9.12
CA SER C 152 7.64 30.48 9.58
C SER C 152 7.04 31.00 10.87
N ALA C 153 5.71 30.93 10.96
CA ALA C 153 5.00 31.38 12.15
C ALA C 153 5.31 30.53 13.38
N THR C 154 5.79 29.31 13.18
CA THR C 154 6.11 28.43 14.31
C THR C 154 7.62 28.27 14.50
N PHE C 155 8.42 29.18 13.92
CA PHE C 155 9.88 29.07 13.99
C PHE C 155 10.36 28.95 15.44
N ASP C 156 9.81 29.77 16.34
CA ASP C 156 10.26 29.75 17.72
C ASP C 156 9.71 28.57 18.50
N TRP C 157 8.77 27.82 17.93
CA TRP C 157 8.34 26.56 18.53
C TRP C 157 9.13 25.37 17.98
N VAL C 158 9.80 25.54 16.85
CA VAL C 158 10.64 24.49 16.29
C VAL C 158 12.08 24.61 16.82
N TYR C 159 12.53 25.84 17.06
CA TYR C 159 13.91 26.12 17.43
C TYR C 159 14.00 26.85 18.76
N GLU C 160 14.92 26.39 19.60
CA GLU C 160 15.27 27.11 20.83
C GLU C 160 16.42 28.04 20.48
N LYS C 161 16.10 29.32 20.25
CA LYS C 161 17.08 30.36 19.97
C LYS C 161 18.13 29.96 18.92
#